data_2FAO
#
_entry.id   2FAO
#
_cell.length_a   71.745
_cell.length_b   203.577
_cell.length_c   44.200
_cell.angle_alpha   90.00
_cell.angle_beta   90.00
_cell.angle_gamma   90.00
#
_symmetry.space_group_name_H-M   'P 21 21 2'
#
loop_
_entity.id
_entity.type
_entity.pdbx_description
1 polymer 'probable ATP-dependent DNA ligase'
2 non-polymer 'SULFATE ION'
3 water water
#
_entity_poly.entity_id   1
_entity_poly.type   'polypeptide(L)'
_entity_poly.pdbx_seq_one_letter_code
;MGARKASAGASRAATAGVRISHPQRLIDPSIQASKLELAEFHARYADLLLRDLRERPVSLVRGPDGIGGELFFQKHAARL
KIPGIVQLDPALDPGHPPLLQIRSAEALVGAVQMGSIEFHTWNASLANLERPDRFVLDLDPDPALPWKRMLEATQLSLTL
LDELGLRAFLKTSGGKGMHLLVPLERRHGWDEVKDFAQAISQHLARLMPERFSAVSGPRNRVGKIFVDYLRNSRGASTVA
AYSVRAREGLPVSVPVFREELDSLQGANQWNLRSLPQRLDELAGDDPWADYAGTRQRISAAMRRQLGRG
;
_entity_poly.pdbx_strand_id   A,B
#
loop_
_chem_comp.id
_chem_comp.type
_chem_comp.name
_chem_comp.formula
SO4 non-polymer 'SULFATE ION' 'O4 S -2'
#
# COMPACT_ATOMS: atom_id res chain seq x y z
N ARG A 12 22.78 1.78 26.52
CA ARG A 12 21.88 2.33 25.48
C ARG A 12 22.17 3.82 25.26
N ALA A 13 23.40 4.23 25.61
CA ALA A 13 23.79 5.61 25.47
C ALA A 13 23.85 6.07 24.01
N ALA A 14 23.91 5.13 23.08
CA ALA A 14 23.97 5.48 21.66
C ALA A 14 22.61 5.30 20.99
N THR A 15 21.61 4.90 21.77
CA THR A 15 20.26 4.71 21.24
C THR A 15 19.20 5.43 22.06
N ALA A 16 19.56 6.62 22.56
CA ALA A 16 18.66 7.44 23.34
C ALA A 16 18.01 6.72 24.52
N GLY A 17 18.76 5.79 25.12
CA GLY A 17 18.25 5.05 26.27
C GLY A 17 17.30 3.91 25.93
N VAL A 18 17.04 3.69 24.65
CA VAL A 18 16.13 2.65 24.20
C VAL A 18 16.80 1.31 23.93
N ARG A 19 16.21 0.23 24.45
CA ARG A 19 16.75 -1.10 24.23
C ARG A 19 16.34 -1.58 22.86
N ILE A 20 17.32 -2.05 22.09
CA ILE A 20 17.04 -2.53 20.73
C ILE A 20 17.05 -4.05 20.67
N SER A 21 15.90 -4.64 20.32
CA SER A 21 15.81 -6.09 20.20
C SER A 21 16.32 -6.49 18.81
N HIS A 22 16.86 -7.70 18.70
CA HIS A 22 17.41 -8.20 17.46
C HIS A 22 18.24 -7.13 16.75
N PRO A 23 19.18 -6.52 17.48
CA PRO A 23 20.03 -5.47 16.94
C PRO A 23 20.78 -5.82 15.66
N GLN A 24 21.12 -7.09 15.49
CA GLN A 24 21.86 -7.51 14.32
C GLN A 24 21.06 -7.85 13.08
N ARG A 25 19.73 -7.86 13.15
CA ARG A 25 19.00 -8.18 11.92
C ARG A 25 19.26 -7.08 10.91
N LEU A 26 19.31 -7.46 9.65
CA LEU A 26 19.62 -6.51 8.59
C LEU A 26 18.48 -5.73 8.00
N ILE A 27 18.62 -4.41 8.02
CA ILE A 27 17.63 -3.53 7.43
C ILE A 27 17.92 -3.52 5.93
N ASP A 28 19.19 -3.45 5.56
CA ASP A 28 19.60 -3.44 4.15
C ASP A 28 20.82 -4.33 3.98
N PRO A 29 20.62 -5.55 3.46
CA PRO A 29 21.74 -6.48 3.25
C PRO A 29 22.78 -5.99 2.26
N SER A 30 22.38 -5.16 1.30
CA SER A 30 23.31 -4.68 0.28
C SER A 30 24.49 -3.91 0.86
N ILE A 31 24.29 -3.24 1.99
CA ILE A 31 25.37 -2.49 2.62
C ILE A 31 25.62 -2.99 4.04
N GLN A 32 25.02 -4.11 4.39
CA GLN A 32 25.16 -4.70 5.72
C GLN A 32 24.77 -3.72 6.82
N ALA A 33 23.63 -3.07 6.65
CA ALA A 33 23.13 -2.11 7.63
C ALA A 33 22.15 -2.82 8.57
N SER A 34 22.52 -2.89 9.84
CA SER A 34 21.71 -3.55 10.86
C SER A 34 20.67 -2.63 11.48
N LYS A 35 19.73 -3.24 12.18
CA LYS A 35 18.69 -2.50 12.87
C LYS A 35 19.34 -1.60 13.91
N LEU A 36 20.36 -2.10 14.60
CA LEU A 36 21.04 -1.30 15.61
C LEU A 36 21.67 -0.07 14.97
N GLU A 37 22.28 -0.23 13.80
CA GLU A 37 22.89 0.90 13.12
C GLU A 37 21.81 1.94 12.79
N LEU A 38 20.66 1.46 12.34
CA LEU A 38 19.58 2.38 12.01
C LEU A 38 19.12 3.13 13.26
N ALA A 39 19.01 2.41 14.38
CA ALA A 39 18.58 3.03 15.63
C ALA A 39 19.61 4.07 16.07
N GLU A 40 20.89 3.74 15.97
CA GLU A 40 21.95 4.67 16.37
C GLU A 40 21.95 5.92 15.51
N PHE A 41 21.63 5.77 14.23
CA PHE A 41 21.58 6.91 13.33
C PHE A 41 20.49 7.86 13.81
N HIS A 42 19.32 7.31 14.15
CA HIS A 42 18.22 8.14 14.60
C HIS A 42 18.49 8.81 15.94
N ALA A 43 19.28 8.16 16.79
CA ALA A 43 19.61 8.77 18.06
C ALA A 43 20.58 9.93 17.78
N ARG A 44 21.64 9.62 17.03
CA ARG A 44 22.64 10.63 16.74
C ARG A 44 22.12 11.87 16.06
N TYR A 45 21.22 11.69 15.09
CA TYR A 45 20.69 12.83 14.37
C TYR A 45 19.25 13.18 14.72
N ALA A 46 18.81 12.76 15.90
CA ALA A 46 17.44 13.04 16.33
C ALA A 46 17.12 14.54 16.27
N ASP A 47 18.05 15.39 16.67
CA ASP A 47 17.77 16.82 16.64
C ASP A 47 17.51 17.32 15.22
N LEU A 48 18.25 16.78 14.24
CA LEU A 48 18.04 17.17 12.86
C LEU A 48 16.64 16.78 12.40
N LEU A 49 16.28 15.50 12.62
CA LEU A 49 14.97 15.05 12.22
C LEU A 49 13.87 15.81 12.97
N LEU A 50 14.13 16.16 14.23
CA LEU A 50 13.13 16.86 15.02
C LEU A 50 12.86 18.28 14.50
N ARG A 51 13.76 18.84 13.69
CA ARG A 51 13.52 20.16 13.13
C ARG A 51 12.23 20.09 12.33
N ASP A 52 11.94 18.91 11.79
CA ASP A 52 10.71 18.69 11.04
C ASP A 52 9.63 18.04 11.89
N LEU A 53 10.00 16.97 12.59
CA LEU A 53 9.03 16.21 13.40
C LEU A 53 8.46 16.77 14.70
N ARG A 54 9.26 17.56 15.42
CA ARG A 54 8.85 18.09 16.72
C ARG A 54 7.41 18.54 16.92
N GLU A 55 6.88 19.32 15.99
CA GLU A 55 5.52 19.83 16.15
C GLU A 55 4.51 19.36 15.11
N ARG A 56 4.82 18.28 14.39
CA ARG A 56 3.93 17.79 13.35
C ARG A 56 3.49 16.34 13.50
N PRO A 57 2.27 16.03 13.05
CA PRO A 57 1.80 14.64 13.13
C PRO A 57 2.72 13.89 12.16
N VAL A 58 2.96 12.61 12.42
CA VAL A 58 3.87 11.83 11.60
C VAL A 58 3.32 10.47 11.21
N SER A 59 3.58 10.06 9.97
CA SER A 59 3.19 8.75 9.48
C SER A 59 4.47 7.94 9.47
N LEU A 60 4.35 6.65 9.75
CA LEU A 60 5.51 5.78 9.79
C LEU A 60 5.52 4.78 8.67
N VAL A 61 6.71 4.45 8.18
CA VAL A 61 6.82 3.41 7.17
C VAL A 61 7.66 2.36 7.91
N ARG A 62 7.03 1.24 8.25
CA ARG A 62 7.68 0.18 9.01
C ARG A 62 8.01 -1.02 8.14
N GLY A 63 9.20 -1.59 8.35
CA GLY A 63 9.61 -2.76 7.59
C GLY A 63 10.17 -3.77 8.57
N PRO A 64 9.31 -4.63 9.13
CA PRO A 64 9.72 -5.64 10.11
C PRO A 64 10.79 -6.62 9.64
N ASP A 65 10.92 -6.78 8.33
CA ASP A 65 11.90 -7.69 7.75
C ASP A 65 12.94 -6.98 6.89
N GLY A 66 13.10 -5.69 7.11
CA GLY A 66 14.06 -4.94 6.33
C GLY A 66 13.51 -4.58 4.96
N ILE A 67 14.32 -3.94 4.14
CA ILE A 67 13.83 -3.52 2.81
C ILE A 67 13.56 -4.65 1.83
N GLY A 68 14.01 -5.87 2.14
CA GLY A 68 13.76 -7.00 1.27
C GLY A 68 12.37 -7.56 1.56
N GLY A 69 11.79 -7.10 2.65
CA GLY A 69 10.46 -7.54 3.02
C GLY A 69 9.49 -6.46 2.55
N GLU A 70 8.30 -6.42 3.14
CA GLU A 70 7.31 -5.44 2.74
C GLU A 70 7.23 -4.30 3.75
N LEU A 71 6.57 -3.23 3.34
CA LEU A 71 6.45 -2.05 4.19
C LEU A 71 5.01 -1.74 4.60
N PHE A 72 4.87 -1.33 5.86
CA PHE A 72 3.58 -0.98 6.44
C PHE A 72 3.52 0.53 6.60
N PHE A 73 2.59 1.17 5.91
CA PHE A 73 2.44 2.62 6.00
C PHE A 73 1.39 2.85 7.09
N GLN A 74 1.84 3.37 8.22
CA GLN A 74 0.96 3.58 9.36
C GLN A 74 0.72 5.03 9.77
N LYS A 75 -0.56 5.37 9.91
CA LYS A 75 -1.01 6.70 10.30
C LYS A 75 -1.56 6.72 11.72
N HIS A 76 -2.26 5.65 12.09
CA HIS A 76 -2.90 5.55 13.40
C HIS A 76 -2.48 4.33 14.22
N ALA A 77 -2.57 4.45 15.54
CA ALA A 77 -2.23 3.34 16.42
C ALA A 77 -3.04 3.45 17.71
N ALA A 78 -3.64 2.35 18.12
CA ALA A 78 -4.43 2.32 19.35
C ALA A 78 -3.52 2.12 20.56
N ARG A 79 -2.61 1.17 20.44
CA ARG A 79 -1.66 0.85 21.50
C ARG A 79 -0.24 1.02 20.97
N LEU A 80 0.50 1.93 21.58
CA LEU A 80 1.88 2.19 21.16
C LEU A 80 2.89 1.67 22.17
N LYS A 81 3.90 0.97 21.66
CA LYS A 81 4.94 0.44 22.51
C LYS A 81 6.20 1.27 22.31
N ILE A 82 6.00 2.56 22.08
CA ILE A 82 7.08 3.49 21.88
C ILE A 82 7.08 4.50 23.02
N PRO A 83 7.82 4.22 24.09
CA PRO A 83 7.87 5.13 25.24
C PRO A 83 8.16 6.57 24.80
N GLY A 84 7.20 7.46 25.03
CA GLY A 84 7.40 8.84 24.66
C GLY A 84 6.58 9.30 23.47
N ILE A 85 6.11 8.37 22.66
CA ILE A 85 5.31 8.73 21.50
C ILE A 85 3.98 9.32 21.93
N VAL A 86 3.54 10.38 21.25
CA VAL A 86 2.30 11.05 21.60
C VAL A 86 1.13 10.62 20.72
N GLN A 87 0.02 10.26 21.36
CA GLN A 87 -1.18 9.88 20.63
C GLN A 87 -2.05 11.12 20.57
N LEU A 88 -2.40 11.53 19.37
CA LEU A 88 -3.21 12.73 19.18
C LEU A 88 -4.71 12.46 19.39
N ASP A 89 -5.49 13.53 19.47
CA ASP A 89 -6.93 13.42 19.68
C ASP A 89 -7.65 12.76 18.51
N PRO A 90 -8.44 11.70 18.79
CA PRO A 90 -9.19 11.00 17.75
C PRO A 90 -10.12 11.92 16.94
N ALA A 91 -10.56 13.02 17.54
CA ALA A 91 -11.45 13.95 16.84
C ALA A 91 -10.80 14.57 15.62
N LEU A 92 -9.47 14.49 15.54
CA LEU A 92 -8.75 15.04 14.39
C LEU A 92 -8.95 14.15 13.16
N ASP A 93 -9.36 12.91 13.39
CA ASP A 93 -9.56 11.98 12.29
C ASP A 93 -10.54 10.91 12.79
N PRO A 94 -11.83 11.29 12.91
CA PRO A 94 -12.87 10.38 13.38
C PRO A 94 -12.96 9.03 12.67
N GLY A 95 -13.26 7.99 13.44
CA GLY A 95 -13.39 6.65 12.88
C GLY A 95 -12.09 5.90 12.78
N HIS A 96 -11.03 6.45 13.37
CA HIS A 96 -9.73 5.81 13.33
C HIS A 96 -9.05 5.95 14.68
N PRO A 97 -8.05 5.10 14.98
CA PRO A 97 -7.35 5.19 16.25
C PRO A 97 -6.56 6.51 16.21
N PRO A 98 -5.96 6.91 17.32
CA PRO A 98 -5.19 8.17 17.35
C PRO A 98 -4.07 8.30 16.33
N LEU A 99 -3.88 9.54 15.85
CA LEU A 99 -2.77 9.86 14.96
C LEU A 99 -1.54 9.87 15.87
N LEU A 100 -0.36 9.99 15.29
CA LEU A 100 0.89 9.92 16.05
C LEU A 100 1.77 11.16 15.94
N GLN A 101 2.55 11.42 17.00
CA GLN A 101 3.48 12.54 17.01
C GLN A 101 4.73 12.18 17.81
N ILE A 102 5.89 12.43 17.19
CA ILE A 102 7.19 12.14 17.80
C ILE A 102 7.89 13.46 18.11
N ARG A 103 8.14 13.70 19.40
CA ARG A 103 8.75 14.95 19.84
C ARG A 103 10.09 14.82 20.57
N SER A 104 10.64 13.61 20.63
CA SER A 104 11.90 13.40 21.35
C SER A 104 12.73 12.31 20.69
N ALA A 105 14.02 12.27 21.02
CA ALA A 105 14.91 11.25 20.48
C ALA A 105 14.45 9.88 20.96
N GLU A 106 14.00 9.80 22.21
CA GLU A 106 13.54 8.53 22.75
C GLU A 106 12.37 7.98 21.95
N ALA A 107 11.42 8.84 21.61
CA ALA A 107 10.26 8.40 20.85
C ALA A 107 10.68 8.02 19.43
N LEU A 108 11.61 8.78 18.87
CA LEU A 108 12.09 8.52 17.52
C LEU A 108 12.79 7.16 17.45
N VAL A 109 13.72 6.91 18.38
CA VAL A 109 14.43 5.65 18.37
C VAL A 109 13.48 4.51 18.73
N GLY A 110 12.52 4.79 19.61
CA GLY A 110 11.53 3.77 19.97
C GLY A 110 10.75 3.33 18.74
N ALA A 111 10.46 4.28 17.85
CA ALA A 111 9.74 3.96 16.62
C ALA A 111 10.59 3.01 15.77
N VAL A 112 11.90 3.27 15.72
CA VAL A 112 12.81 2.42 14.96
C VAL A 112 12.86 1.02 15.59
N GLN A 113 12.85 0.97 16.93
CA GLN A 113 12.85 -0.29 17.66
C GLN A 113 11.63 -1.11 17.24
N MET A 114 10.52 -0.42 16.95
CA MET A 114 9.29 -1.08 16.53
C MET A 114 9.17 -1.28 15.02
N GLY A 115 10.29 -1.16 14.32
CA GLY A 115 10.30 -1.39 12.88
C GLY A 115 10.27 -0.21 11.93
N SER A 116 10.15 1.01 12.45
CA SER A 116 10.10 2.18 11.58
C SER A 116 11.42 2.43 10.83
N ILE A 117 11.30 2.76 9.55
CA ILE A 117 12.45 3.10 8.72
C ILE A 117 12.28 4.52 8.19
N GLU A 118 11.05 4.88 7.77
CA GLU A 118 10.77 6.22 7.26
C GLU A 118 9.79 6.97 8.15
N PHE A 119 9.92 8.29 8.13
CA PHE A 119 9.07 9.20 8.91
C PHE A 119 8.60 10.30 7.96
N HIS A 120 7.29 10.43 7.78
CA HIS A 120 6.72 11.45 6.90
C HIS A 120 5.82 12.36 7.72
N THR A 121 5.95 13.67 7.55
CA THR A 121 5.12 14.60 8.33
C THR A 121 4.06 15.36 7.55
N TRP A 122 3.04 15.77 8.29
CA TRP A 122 1.93 16.56 7.77
C TRP A 122 2.41 17.98 7.48
N ASN A 123 1.70 18.67 6.60
CA ASN A 123 2.02 20.05 6.26
C ASN A 123 1.40 21.03 7.24
N ALA A 124 1.14 20.59 8.46
CA ALA A 124 0.58 21.45 9.48
C ALA A 124 1.19 21.06 10.82
N SER A 125 1.21 22.00 11.76
CA SER A 125 1.76 21.76 13.07
C SER A 125 0.68 21.82 14.14
N LEU A 126 0.96 21.24 15.31
CA LEU A 126 0.00 21.21 16.41
C LEU A 126 -0.62 22.56 16.78
N ALA A 127 0.08 23.65 16.47
CA ALA A 127 -0.41 24.99 16.74
C ALA A 127 -1.80 25.16 16.15
N ASN A 128 -1.99 24.62 14.95
CA ASN A 128 -3.28 24.69 14.28
C ASN A 128 -3.27 23.67 13.16
N LEU A 129 -3.81 22.48 13.44
CA LEU A 129 -3.82 21.44 12.43
C LEU A 129 -4.83 21.65 11.30
N GLU A 130 -5.58 22.75 11.35
CA GLU A 130 -6.55 23.01 10.30
C GLU A 130 -6.09 24.13 9.37
N ARG A 131 -4.88 24.64 9.61
CA ARG A 131 -4.30 25.68 8.79
C ARG A 131 -2.88 25.27 8.47
N PRO A 132 -2.64 24.72 7.27
CA PRO A 132 -1.29 24.30 6.91
C PRO A 132 -0.25 25.40 7.05
N ASP A 133 0.97 25.03 7.44
CA ASP A 133 2.02 26.03 7.55
C ASP A 133 3.05 25.85 6.44
N ARG A 134 2.66 25.09 5.41
CA ARG A 134 3.53 24.87 4.25
C ARG A 134 2.76 24.08 3.20
N PHE A 135 3.33 24.04 2.01
CA PHE A 135 2.80 23.19 0.96
C PHE A 135 4.05 22.58 0.36
N VAL A 136 3.88 21.45 -0.30
CA VAL A 136 4.99 20.73 -0.89
C VAL A 136 4.71 20.40 -2.34
N LEU A 137 5.75 20.51 -3.15
CA LEU A 137 5.66 20.14 -4.55
C LEU A 137 6.72 19.05 -4.68
N ASP A 138 6.30 17.89 -5.15
CA ASP A 138 7.21 16.77 -5.35
C ASP A 138 7.30 16.52 -6.84
N LEU A 139 8.48 16.71 -7.42
CA LEU A 139 8.64 16.46 -8.84
C LEU A 139 8.94 14.97 -9.01
N ASP A 140 7.96 14.25 -9.56
CA ASP A 140 8.05 12.80 -9.77
C ASP A 140 8.28 12.51 -11.25
N PRO A 141 9.48 12.03 -11.60
CA PRO A 141 9.86 11.71 -12.97
C PRO A 141 9.56 10.31 -13.47
N ASP A 142 9.67 10.16 -14.77
CA ASP A 142 9.47 8.87 -15.41
C ASP A 142 10.77 8.11 -15.09
N PRO A 143 10.65 6.84 -14.66
CA PRO A 143 11.79 5.99 -14.31
C PRO A 143 12.79 5.78 -15.45
N ALA A 144 12.55 6.43 -16.59
CA ALA A 144 13.43 6.31 -17.74
C ALA A 144 13.80 7.67 -18.31
N LEU A 145 13.77 8.69 -17.46
CA LEU A 145 14.10 10.03 -17.90
C LEU A 145 15.47 10.43 -17.36
N PRO A 146 16.30 11.09 -18.21
CA PRO A 146 17.64 11.52 -17.81
C PRO A 146 17.59 12.44 -16.60
N TRP A 147 18.58 12.30 -15.72
CA TRP A 147 18.67 13.12 -14.53
C TRP A 147 18.69 14.61 -14.85
N LYS A 148 19.38 14.98 -15.93
CA LYS A 148 19.45 16.37 -16.33
C LYS A 148 18.05 16.98 -16.49
N ARG A 149 17.09 16.17 -16.89
CA ARG A 149 15.71 16.63 -17.06
C ARG A 149 15.15 17.11 -15.72
N MET A 150 15.47 16.38 -14.65
CA MET A 150 14.96 16.74 -13.34
C MET A 150 15.65 18.01 -12.87
N LEU A 151 16.92 18.14 -13.23
CA LEU A 151 17.65 19.34 -12.85
C LEU A 151 17.01 20.57 -13.47
N GLU A 152 16.76 20.51 -14.77
CA GLU A 152 16.15 21.63 -15.47
C GLU A 152 14.74 21.90 -14.95
N ALA A 153 14.00 20.84 -14.66
CA ALA A 153 12.65 20.97 -14.15
C ALA A 153 12.63 21.67 -12.79
N THR A 154 13.64 21.40 -11.97
CA THR A 154 13.74 22.01 -10.65
C THR A 154 14.00 23.50 -10.78
N GLN A 155 14.96 23.86 -11.64
CA GLN A 155 15.30 25.26 -11.86
C GLN A 155 14.09 26.02 -12.38
N LEU A 156 13.37 25.43 -13.33
CA LEU A 156 12.21 26.08 -13.89
C LEU A 156 11.11 26.28 -12.85
N SER A 157 10.97 25.32 -11.94
CA SER A 157 9.97 25.42 -10.88
C SER A 157 10.34 26.52 -9.90
N LEU A 158 11.63 26.59 -9.57
CA LEU A 158 12.11 27.61 -8.64
C LEU A 158 11.96 29.01 -9.24
N THR A 159 12.17 29.12 -10.55
CA THR A 159 12.03 30.42 -11.19
C THR A 159 10.59 30.90 -11.07
N LEU A 160 9.63 30.01 -11.26
CA LEU A 160 8.23 30.37 -11.14
C LEU A 160 7.93 30.80 -9.71
N LEU A 161 8.43 30.04 -8.75
CA LEU A 161 8.21 30.38 -7.35
C LEU A 161 8.80 31.75 -7.03
N ASP A 162 9.95 32.08 -7.62
CA ASP A 162 10.55 33.38 -7.36
C ASP A 162 9.67 34.50 -7.90
N GLU A 163 9.14 34.30 -9.11
CA GLU A 163 8.28 35.29 -9.73
C GLU A 163 7.02 35.50 -8.89
N LEU A 164 6.59 34.43 -8.21
CA LEU A 164 5.40 34.51 -7.37
C LEU A 164 5.73 35.20 -6.05
N GLY A 165 7.01 35.34 -5.76
CA GLY A 165 7.43 35.97 -4.52
C GLY A 165 7.44 35.00 -3.36
N LEU A 166 7.58 33.72 -3.66
CA LEU A 166 7.60 32.69 -2.62
C LEU A 166 8.98 32.06 -2.45
N ARG A 167 9.44 32.02 -1.20
CA ARG A 167 10.72 31.42 -0.87
C ARG A 167 10.47 29.92 -0.79
N ALA A 168 11.34 29.13 -1.43
CA ALA A 168 11.19 27.69 -1.43
C ALA A 168 12.44 27.02 -0.91
N PHE A 169 12.27 25.87 -0.27
CA PHE A 169 13.38 25.14 0.30
C PHE A 169 13.44 23.75 -0.36
N LEU A 170 14.59 23.45 -0.94
CA LEU A 170 14.77 22.21 -1.68
C LEU A 170 15.51 21.10 -0.97
N LYS A 171 15.11 19.87 -1.25
CA LYS A 171 15.80 18.72 -0.68
C LYS A 171 15.67 17.54 -1.63
N THR A 172 16.67 16.69 -1.63
CA THR A 172 16.60 15.51 -2.47
C THR A 172 15.58 14.63 -1.75
N SER A 173 14.90 13.77 -2.49
CA SER A 173 13.89 12.90 -1.91
C SER A 173 14.49 11.62 -1.33
N GLY A 174 15.66 11.26 -1.83
CA GLY A 174 16.29 10.03 -1.39
C GLY A 174 15.83 8.93 -2.33
N GLY A 175 14.93 9.29 -3.24
CA GLY A 175 14.40 8.32 -4.19
C GLY A 175 14.82 8.61 -5.61
N LYS A 176 13.96 9.31 -6.36
CA LYS A 176 14.27 9.64 -7.75
C LYS A 176 13.92 11.09 -8.14
N GLY A 177 13.24 11.81 -7.25
CA GLY A 177 12.87 13.19 -7.56
C GLY A 177 13.32 14.20 -6.53
N MET A 178 12.94 15.46 -6.73
CA MET A 178 13.28 16.54 -5.80
C MET A 178 12.02 17.02 -5.08
N HIS A 179 12.20 17.55 -3.87
CA HIS A 179 11.11 18.07 -3.06
C HIS A 179 11.28 19.54 -2.83
N LEU A 180 10.18 20.27 -2.94
CA LEU A 180 10.16 21.71 -2.72
C LEU A 180 9.17 22.01 -1.59
N LEU A 181 9.68 22.57 -0.50
CA LEU A 181 8.83 22.94 0.62
C LEU A 181 8.68 24.45 0.63
N VAL A 182 7.44 24.90 0.72
CA VAL A 182 7.15 26.33 0.72
C VAL A 182 6.37 26.67 1.97
N PRO A 183 7.02 27.34 2.95
CA PRO A 183 6.30 27.68 4.18
C PRO A 183 5.23 28.73 3.93
N LEU A 184 4.18 28.69 4.75
CA LEU A 184 3.09 29.65 4.64
C LEU A 184 2.57 30.02 6.01
N GLU A 185 2.10 31.25 6.14
CA GLU A 185 1.54 31.70 7.39
C GLU A 185 0.22 30.95 7.52
N ARG A 186 -0.17 30.64 8.74
CA ARG A 186 -1.40 29.89 9.00
C ARG A 186 -2.63 30.77 8.81
N ARG A 187 -2.93 31.08 7.55
CA ARG A 187 -4.06 31.95 7.22
C ARG A 187 -4.98 31.34 6.17
N HIS A 188 -4.72 30.08 5.81
CA HIS A 188 -5.50 29.40 4.80
C HIS A 188 -5.89 27.99 5.23
N GLY A 189 -7.04 27.52 4.75
CA GLY A 189 -7.47 26.17 5.08
C GLY A 189 -6.79 25.16 4.18
N TRP A 190 -7.01 23.87 4.47
CA TRP A 190 -6.40 22.81 3.69
C TRP A 190 -6.73 22.86 2.21
N ASP A 191 -8.01 23.05 1.88
CA ASP A 191 -8.43 23.12 0.49
C ASP A 191 -7.78 24.28 -0.27
N GLU A 192 -7.76 25.45 0.35
CA GLU A 192 -7.19 26.62 -0.30
C GLU A 192 -5.72 26.38 -0.66
N VAL A 193 -4.96 25.83 0.28
CA VAL A 193 -3.55 25.58 0.04
C VAL A 193 -3.32 24.50 -1.01
N LYS A 194 -4.08 23.42 -0.94
CA LYS A 194 -3.93 22.36 -1.92
C LYS A 194 -4.27 22.86 -3.31
N ASP A 195 -5.36 23.61 -3.43
CA ASP A 195 -5.78 24.14 -4.72
C ASP A 195 -4.72 25.09 -5.31
N PHE A 196 -4.05 25.83 -4.43
CA PHE A 196 -3.00 26.75 -4.86
C PHE A 196 -1.83 25.94 -5.42
N ALA A 197 -1.47 24.88 -4.72
CA ALA A 197 -0.38 24.02 -5.17
C ALA A 197 -0.74 23.38 -6.50
N GLN A 198 -1.99 22.94 -6.64
CA GLN A 198 -2.43 22.34 -7.89
C GLN A 198 -2.35 23.38 -9.01
N ALA A 199 -2.69 24.63 -8.69
CA ALA A 199 -2.65 25.71 -9.67
C ALA A 199 -1.23 25.94 -10.18
N ILE A 200 -0.25 25.72 -9.32
CA ILE A 200 1.15 25.88 -9.72
C ILE A 200 1.52 24.74 -10.67
N SER A 201 1.10 23.52 -10.32
CA SER A 201 1.36 22.36 -11.16
C SER A 201 0.75 22.54 -12.54
N GLN A 202 -0.52 22.95 -12.58
CA GLN A 202 -1.21 23.15 -13.85
C GLN A 202 -0.56 24.26 -14.67
N HIS A 203 -0.12 25.32 -14.00
CA HIS A 203 0.52 26.45 -14.68
C HIS A 203 1.78 25.96 -15.41
N LEU A 204 2.58 25.17 -14.72
CA LEU A 204 3.80 24.64 -15.33
C LEU A 204 3.48 23.70 -16.48
N ALA A 205 2.39 22.93 -16.33
CA ALA A 205 1.96 21.99 -17.35
C ALA A 205 1.48 22.68 -18.62
N ARG A 206 0.87 23.85 -18.46
CA ARG A 206 0.39 24.61 -19.61
C ARG A 206 1.52 25.33 -20.29
N LEU A 207 2.47 25.85 -19.51
CA LEU A 207 3.61 26.56 -20.07
C LEU A 207 4.54 25.64 -20.85
N MET A 208 4.86 24.49 -20.28
CA MET A 208 5.76 23.53 -20.89
C MET A 208 5.22 22.10 -20.80
N PRO A 209 4.20 21.77 -21.61
CA PRO A 209 3.59 20.44 -21.60
C PRO A 209 4.54 19.29 -21.96
N GLU A 210 5.63 19.61 -22.64
CA GLU A 210 6.59 18.58 -23.04
C GLU A 210 7.50 18.21 -21.87
N ARG A 211 7.48 19.02 -20.81
CA ARG A 211 8.31 18.78 -19.64
C ARG A 211 7.51 18.42 -18.39
N PHE A 212 6.39 19.11 -18.20
CA PHE A 212 5.57 18.93 -17.01
C PHE A 212 4.17 18.37 -17.20
N SER A 213 3.70 17.68 -16.17
CA SER A 213 2.38 17.09 -16.13
C SER A 213 1.76 17.49 -14.79
N ALA A 214 0.46 17.76 -14.78
CA ALA A 214 -0.25 18.15 -13.58
C ALA A 214 -1.28 17.09 -13.22
N VAL A 215 -1.16 15.91 -13.84
CA VAL A 215 -2.07 14.80 -13.61
C VAL A 215 -1.30 13.59 -13.09
N SER A 216 -1.79 13.01 -11.99
CA SER A 216 -1.14 11.86 -11.37
C SER A 216 -1.21 10.59 -12.21
N GLY A 217 -0.35 9.63 -11.88
CA GLY A 217 -0.33 8.37 -12.60
C GLY A 217 0.81 8.29 -13.60
N PRO A 218 1.55 7.17 -13.60
CA PRO A 218 2.68 6.96 -14.52
C PRO A 218 2.32 7.15 -15.99
N ARG A 219 1.12 6.69 -16.36
CA ARG A 219 0.70 6.81 -17.75
C ARG A 219 0.39 8.25 -18.15
N ASN A 220 0.45 9.16 -17.18
CA ASN A 220 0.18 10.57 -17.44
C ASN A 220 1.44 11.43 -17.36
N ARG A 221 2.60 10.78 -17.29
CA ARG A 221 3.87 11.49 -17.24
C ARG A 221 4.97 10.76 -18.01
N VAL A 222 4.59 10.03 -19.05
CA VAL A 222 5.57 9.30 -19.84
C VAL A 222 6.56 10.30 -20.47
N GLY A 223 7.84 10.11 -20.17
CA GLY A 223 8.86 11.01 -20.69
C GLY A 223 8.73 12.42 -20.16
N LYS A 224 8.06 12.57 -19.02
CA LYS A 224 7.85 13.87 -18.42
C LYS A 224 7.97 13.80 -16.89
N ILE A 225 7.70 14.92 -16.24
CA ILE A 225 7.77 15.00 -14.79
C ILE A 225 6.45 15.52 -14.24
N PHE A 226 5.90 14.81 -13.26
CA PHE A 226 4.65 15.19 -12.64
C PHE A 226 4.92 16.08 -11.44
N VAL A 227 4.37 17.30 -11.47
CA VAL A 227 4.53 18.23 -10.36
C VAL A 227 3.43 17.80 -9.40
N ASP A 228 3.78 16.89 -8.51
CA ASP A 228 2.85 16.31 -7.56
C ASP A 228 2.46 17.28 -6.45
N TYR A 229 1.18 17.59 -6.39
CA TYR A 229 0.60 18.49 -5.40
C TYR A 229 -0.30 17.74 -4.41
N LEU A 230 -0.44 16.43 -4.62
CA LEU A 230 -1.31 15.60 -3.79
C LEU A 230 -0.89 15.41 -2.34
N ARG A 231 0.37 15.65 -2.02
CA ARG A 231 0.85 15.49 -0.65
C ARG A 231 0.33 16.62 0.23
N ASN A 232 -0.43 17.55 -0.37
CA ASN A 232 -0.98 18.66 0.37
C ASN A 232 -2.40 18.38 0.85
N SER A 233 -2.86 17.16 0.62
CA SER A 233 -4.17 16.76 1.07
C SER A 233 -4.06 16.57 2.58
N ARG A 234 -5.12 16.88 3.32
CA ARG A 234 -5.09 16.70 4.77
C ARG A 234 -4.93 15.22 5.04
N GLY A 235 -3.95 14.88 5.88
CA GLY A 235 -3.70 13.48 6.19
C GLY A 235 -2.52 12.93 5.43
N ALA A 236 -2.15 13.59 4.33
CA ALA A 236 -1.01 13.16 3.53
C ALA A 236 0.26 13.63 4.22
N SER A 237 1.41 13.16 3.74
CA SER A 237 2.66 13.55 4.39
C SER A 237 3.86 13.49 3.46
N THR A 238 4.96 14.08 3.92
CA THR A 238 6.19 14.14 3.16
C THR A 238 7.39 13.74 4.00
N VAL A 239 8.26 12.92 3.40
CA VAL A 239 9.50 12.43 4.02
C VAL A 239 10.20 13.61 4.71
N ALA A 240 10.60 13.41 5.97
CA ALA A 240 11.29 14.45 6.73
C ALA A 240 12.70 14.68 6.25
N ALA A 241 13.12 15.94 6.25
CA ALA A 241 14.50 16.26 5.88
C ALA A 241 15.40 15.50 6.85
N TYR A 242 16.47 14.93 6.29
CA TYR A 242 17.47 14.15 7.01
C TYR A 242 17.06 12.75 7.40
N SER A 243 15.82 12.36 7.07
CA SER A 243 15.37 11.01 7.40
C SER A 243 15.78 10.02 6.30
N VAL A 244 15.62 8.73 6.60
CA VAL A 244 16.02 7.64 5.73
C VAL A 244 14.91 7.05 4.87
N ARG A 245 15.28 6.57 3.69
CA ARG A 245 14.31 5.93 2.81
C ARG A 245 14.54 4.42 2.87
N ALA A 246 13.44 3.67 2.88
CA ALA A 246 13.49 2.21 2.92
C ALA A 246 13.77 1.69 1.51
N ARG A 247 14.96 2.04 1.00
CA ARG A 247 15.40 1.67 -0.34
C ARG A 247 16.85 1.22 -0.32
N GLU A 248 17.29 0.56 -1.38
CA GLU A 248 18.67 0.07 -1.46
C GLU A 248 19.66 1.19 -1.17
N GLY A 249 20.59 0.91 -0.25
CA GLY A 249 21.61 1.89 0.12
C GLY A 249 21.18 2.83 1.24
N LEU A 250 19.92 2.72 1.66
CA LEU A 250 19.34 3.57 2.70
C LEU A 250 19.66 5.04 2.47
N PRO A 251 19.20 5.59 1.34
CA PRO A 251 19.43 7.00 1.00
C PRO A 251 18.74 7.91 2.02
N VAL A 252 19.27 9.12 2.16
CA VAL A 252 18.69 10.11 3.07
C VAL A 252 18.15 11.28 2.26
N SER A 253 17.10 11.92 2.76
CA SER A 253 16.51 13.08 2.09
C SER A 253 17.32 14.27 2.60
N VAL A 254 18.01 14.95 1.69
CA VAL A 254 18.91 16.03 2.09
C VAL A 254 18.66 17.46 1.59
N PRO A 255 18.51 18.42 2.53
CA PRO A 255 18.30 19.80 2.12
C PRO A 255 19.52 20.26 1.31
N VAL A 256 19.28 21.00 0.23
CA VAL A 256 20.38 21.48 -0.59
C VAL A 256 20.20 22.94 -0.99
N PHE A 257 21.32 23.59 -1.27
CA PHE A 257 21.32 24.99 -1.71
C PHE A 257 20.92 24.99 -3.18
N ARG A 258 20.25 26.05 -3.62
CA ARG A 258 19.85 26.13 -5.02
C ARG A 258 21.11 26.20 -5.88
N GLU A 259 22.15 26.84 -5.36
CA GLU A 259 23.40 27.00 -6.11
C GLU A 259 24.14 25.70 -6.40
N GLU A 260 23.87 24.66 -5.62
CA GLU A 260 24.53 23.38 -5.84
C GLU A 260 23.63 22.40 -6.59
N LEU A 261 22.46 22.88 -6.99
CA LEU A 261 21.50 22.03 -7.70
C LEU A 261 22.08 21.38 -8.95
N ASP A 262 22.68 22.16 -9.83
CA ASP A 262 23.22 21.61 -11.06
C ASP A 262 24.45 20.71 -10.84
N SER A 263 24.96 20.69 -9.61
CA SER A 263 26.12 19.85 -9.29
C SER A 263 25.67 18.46 -8.83
N LEU A 264 24.40 18.31 -8.51
CA LEU A 264 23.87 17.03 -8.06
C LEU A 264 23.82 16.03 -9.22
N GLN A 265 24.02 14.76 -8.91
CA GLN A 265 24.00 13.73 -9.93
C GLN A 265 22.84 12.76 -9.76
N GLY A 266 22.13 12.90 -8.64
CA GLY A 266 21.00 12.04 -8.38
C GLY A 266 20.26 12.54 -7.16
N ALA A 267 19.11 11.92 -6.89
CA ALA A 267 18.28 12.29 -5.74
C ALA A 267 18.60 11.41 -4.55
N ASN A 268 19.51 10.44 -4.75
CA ASN A 268 19.88 9.52 -3.68
C ASN A 268 21.38 9.34 -3.53
N GLN A 269 22.15 10.40 -3.76
CA GLN A 269 23.60 10.31 -3.65
C GLN A 269 24.05 10.13 -2.20
N TRP A 270 23.32 10.74 -1.26
CA TRP A 270 23.67 10.62 0.16
C TRP A 270 22.86 9.54 0.85
N ASN A 271 23.49 8.86 1.80
CA ASN A 271 22.86 7.78 2.55
C ASN A 271 23.12 7.94 4.05
N LEU A 272 22.60 7.03 4.87
CA LEU A 272 22.80 7.20 6.31
C LEU A 272 24.26 7.22 6.75
N ARG A 273 25.15 6.62 5.97
CA ARG A 273 26.56 6.63 6.34
C ARG A 273 27.35 7.79 5.78
N SER A 274 26.89 8.36 4.67
CA SER A 274 27.60 9.49 4.08
C SER A 274 27.08 10.83 4.59
N LEU A 275 25.96 10.81 5.32
CA LEU A 275 25.42 12.06 5.85
C LEU A 275 26.47 12.79 6.70
N PRO A 276 27.23 12.05 7.53
CA PRO A 276 28.23 12.72 8.36
C PRO A 276 29.22 13.53 7.50
N GLN A 277 29.60 12.98 6.35
CA GLN A 277 30.53 13.66 5.45
C GLN A 277 29.88 14.92 4.90
N ARG A 278 28.59 14.82 4.57
CA ARG A 278 27.84 15.95 4.04
C ARG A 278 27.82 17.07 5.07
N LEU A 279 27.52 16.73 6.32
CA LEU A 279 27.45 17.72 7.39
C LEU A 279 28.82 18.33 7.66
N ASP A 280 29.87 17.51 7.55
CA ASP A 280 31.22 18.01 7.77
C ASP A 280 31.67 18.95 6.65
N GLU A 281 31.30 18.61 5.42
CA GLU A 281 31.66 19.44 4.27
C GLU A 281 30.97 20.80 4.37
N LEU A 282 29.73 20.80 4.84
CA LEU A 282 28.99 22.05 4.99
C LEU A 282 29.61 22.90 6.09
N ALA A 283 30.08 22.23 7.14
CA ALA A 283 30.73 22.90 8.27
C ALA A 283 29.92 24.10 8.75
N GLY A 284 28.66 23.86 9.11
CA GLY A 284 27.83 24.94 9.59
C GLY A 284 26.86 25.52 8.59
N ASP A 285 27.25 25.58 7.31
CA ASP A 285 26.37 26.11 6.27
C ASP A 285 25.08 25.33 6.28
N ASP A 286 23.96 26.04 6.44
CA ASP A 286 22.64 25.40 6.48
C ASP A 286 21.81 25.86 5.28
N PRO A 287 21.50 24.94 4.36
CA PRO A 287 20.71 25.26 3.17
C PRO A 287 19.34 25.87 3.53
N TRP A 288 18.81 25.45 4.66
CA TRP A 288 17.49 25.91 5.11
C TRP A 288 17.55 26.89 6.27
N ALA A 289 18.66 27.62 6.38
CA ALA A 289 18.84 28.58 7.46
C ALA A 289 17.71 29.59 7.57
N ASP A 290 17.12 29.96 6.43
CA ASP A 290 16.05 30.96 6.44
C ASP A 290 14.63 30.41 6.49
N TYR A 291 14.49 29.11 6.68
CA TYR A 291 13.16 28.50 6.72
C TYR A 291 12.24 29.04 7.82
N ALA A 292 12.63 28.80 9.07
CA ALA A 292 11.82 29.23 10.20
C ALA A 292 11.49 30.71 10.23
N GLY A 293 12.34 31.54 9.63
CA GLY A 293 12.10 32.97 9.62
C GLY A 293 11.26 33.48 8.45
N THR A 294 10.99 32.61 7.49
CA THR A 294 10.21 32.99 6.32
C THR A 294 8.74 33.25 6.66
N ARG A 295 8.26 34.43 6.27
CA ARG A 295 6.88 34.83 6.50
C ARG A 295 6.25 35.21 5.18
N GLN A 296 5.43 34.32 4.62
CA GLN A 296 4.76 34.58 3.35
C GLN A 296 3.37 33.98 3.35
N ARG A 297 2.51 34.48 2.46
CA ARG A 297 1.14 33.99 2.37
C ARG A 297 0.68 34.01 0.93
N ILE A 298 -0.43 33.33 0.65
CA ILE A 298 -0.99 33.31 -0.69
C ILE A 298 -1.71 34.63 -0.93
N SER A 299 -1.37 35.30 -2.03
CA SER A 299 -1.95 36.59 -2.36
C SER A 299 -2.75 36.58 -3.66
N ALA A 300 -3.51 37.64 -3.87
CA ALA A 300 -4.31 37.79 -5.07
C ALA A 300 -3.37 37.90 -6.28
N ALA A 301 -2.24 38.58 -6.09
CA ALA A 301 -1.27 38.73 -7.17
C ALA A 301 -0.73 37.38 -7.63
N MET A 302 -0.50 36.49 -6.67
CA MET A 302 -0.03 35.15 -6.99
C MET A 302 -1.06 34.41 -7.81
N ARG A 303 -2.33 34.56 -7.46
CA ARG A 303 -3.38 33.89 -8.21
C ARG A 303 -3.52 34.46 -9.62
N ARG A 304 -3.22 35.75 -9.77
CA ARG A 304 -3.30 36.39 -11.08
C ARG A 304 -2.22 35.81 -12.00
N GLN A 305 -1.03 35.63 -11.46
CA GLN A 305 0.10 35.12 -12.23
C GLN A 305 -0.12 33.68 -12.65
N LEU A 306 -0.83 32.91 -11.82
CA LEU A 306 -1.11 31.51 -12.13
C LEU A 306 -2.29 31.37 -13.06
N ARG B 12 -8.32 -23.23 25.23
CA ARG B 12 -7.95 -22.68 23.89
C ARG B 12 -8.46 -23.59 22.78
N ALA B 13 -9.39 -24.49 23.13
CA ALA B 13 -9.94 -25.42 22.16
C ALA B 13 -10.67 -24.68 21.04
N ALA B 14 -11.26 -23.53 21.36
CA ALA B 14 -11.99 -22.75 20.37
C ALA B 14 -11.07 -21.98 19.43
N THR B 15 -9.78 -21.94 19.76
CA THR B 15 -8.80 -21.23 18.93
C THR B 15 -7.67 -22.14 18.47
N ALA B 16 -7.97 -23.41 18.26
CA ALA B 16 -6.98 -24.38 17.80
C ALA B 16 -5.74 -24.43 18.69
N GLY B 17 -5.94 -24.22 19.99
CA GLY B 17 -4.85 -24.25 20.94
C GLY B 17 -3.95 -23.04 20.96
N VAL B 18 -4.28 -22.04 20.14
CA VAL B 18 -3.49 -20.82 20.08
C VAL B 18 -3.95 -19.77 21.09
N ARG B 19 -3.01 -19.25 21.87
CA ARG B 19 -3.34 -18.24 22.86
C ARG B 19 -3.51 -16.91 22.14
N ILE B 20 -4.65 -16.26 22.39
CA ILE B 20 -4.96 -14.97 21.77
C ILE B 20 -4.72 -13.82 22.74
N SER B 21 -3.78 -12.95 22.39
CA SER B 21 -3.48 -11.78 23.22
C SER B 21 -4.50 -10.68 22.91
N HIS B 22 -4.79 -9.83 23.88
CA HIS B 22 -5.78 -8.75 23.72
C HIS B 22 -7.00 -9.28 22.96
N PRO B 23 -7.59 -10.38 23.43
CA PRO B 23 -8.76 -11.00 22.80
C PRO B 23 -9.97 -10.09 22.61
N GLN B 24 -10.09 -9.08 23.46
CA GLN B 24 -11.22 -8.17 23.38
C GLN B 24 -11.07 -6.97 22.47
N ARG B 25 -9.87 -6.72 21.95
CA ARG B 25 -9.72 -5.56 21.08
C ARG B 25 -10.61 -5.77 19.86
N LEU B 26 -11.19 -4.68 19.38
CA LEU B 26 -12.12 -4.75 18.27
C LEU B 26 -11.52 -4.72 16.88
N ILE B 27 -11.86 -5.73 16.10
CA ILE B 27 -11.40 -5.82 14.73
C ILE B 27 -12.33 -4.90 13.94
N ASP B 28 -13.63 -4.99 14.25
CA ASP B 28 -14.63 -4.16 13.58
C ASP B 28 -15.61 -3.62 14.62
N PRO B 29 -15.41 -2.37 15.06
CA PRO B 29 -16.31 -1.81 16.06
C PRO B 29 -17.76 -1.65 15.61
N SER B 30 -17.97 -1.50 14.30
CA SER B 30 -19.32 -1.32 13.78
C SER B 30 -20.26 -2.48 14.09
N ILE B 31 -19.70 -3.67 14.29
CA ILE B 31 -20.50 -4.83 14.62
C ILE B 31 -20.02 -5.51 15.89
N GLN B 32 -19.15 -4.81 16.63
CA GLN B 32 -18.57 -5.31 17.87
C GLN B 32 -17.93 -6.68 17.68
N ALA B 33 -17.10 -6.80 16.64
CA ALA B 33 -16.39 -8.04 16.35
C ALA B 33 -14.99 -7.95 16.96
N SER B 34 -14.72 -8.82 17.92
CA SER B 34 -13.44 -8.84 18.62
C SER B 34 -12.40 -9.72 17.94
N LYS B 35 -11.15 -9.55 18.34
CA LYS B 35 -10.06 -10.34 17.80
C LYS B 35 -10.31 -11.81 18.12
N LEU B 36 -10.78 -12.09 19.34
CA LEU B 36 -11.07 -13.46 19.74
C LEU B 36 -12.13 -14.07 18.83
N GLU B 37 -13.17 -13.31 18.52
CA GLU B 37 -14.21 -13.83 17.64
C GLU B 37 -13.62 -14.16 16.27
N LEU B 38 -12.75 -13.30 15.77
CA LEU B 38 -12.13 -13.55 14.47
C LEU B 38 -11.27 -14.81 14.54
N ALA B 39 -10.55 -15.00 15.64
CA ALA B 39 -9.71 -16.18 15.81
C ALA B 39 -10.56 -17.44 15.86
N GLU B 40 -11.66 -17.41 16.62
CA GLU B 40 -12.54 -18.56 16.72
C GLU B 40 -13.17 -18.93 15.39
N PHE B 41 -13.44 -17.92 14.57
CA PHE B 41 -14.01 -18.14 13.24
C PHE B 41 -13.02 -18.96 12.41
N HIS B 42 -11.76 -18.56 12.45
CA HIS B 42 -10.76 -19.28 11.66
C HIS B 42 -10.51 -20.70 12.16
N ALA B 43 -10.69 -20.93 13.46
CA ALA B 43 -10.52 -22.29 13.98
C ALA B 43 -11.70 -23.14 13.53
N ARG B 44 -12.90 -22.59 13.63
CA ARG B 44 -14.11 -23.32 13.25
C ARG B 44 -14.19 -23.65 11.76
N TYR B 45 -13.75 -22.72 10.92
CA TYR B 45 -13.82 -22.94 9.47
C TYR B 45 -12.48 -23.08 8.79
N ALA B 46 -11.46 -23.47 9.55
CA ALA B 46 -10.13 -23.65 8.97
C ALA B 46 -10.17 -24.58 7.76
N ASP B 47 -10.99 -25.63 7.84
CA ASP B 47 -11.08 -26.57 6.73
C ASP B 47 -11.52 -25.90 5.43
N LEU B 48 -12.43 -24.93 5.54
CA LEU B 48 -12.91 -24.24 4.35
C LEU B 48 -11.81 -23.41 3.70
N LEU B 49 -11.12 -22.59 4.50
CA LEU B 49 -10.04 -21.77 3.95
C LEU B 49 -8.89 -22.62 3.44
N LEU B 50 -8.61 -23.72 4.14
CA LEU B 50 -7.51 -24.59 3.74
C LEU B 50 -7.75 -25.27 2.39
N ARG B 51 -9.00 -25.30 1.93
CA ARG B 51 -9.27 -25.90 0.62
C ARG B 51 -8.45 -25.16 -0.42
N ASP B 52 -8.23 -23.87 -0.19
CA ASP B 52 -7.46 -23.04 -1.11
C ASP B 52 -6.04 -22.80 -0.63
N LEU B 53 -5.88 -22.57 0.67
CA LEU B 53 -4.57 -22.29 1.26
C LEU B 53 -3.56 -23.41 1.43
N ARG B 54 -4.04 -24.62 1.71
CA ARG B 54 -3.17 -25.76 1.98
C ARG B 54 -1.95 -25.94 1.08
N GLU B 55 -2.11 -25.80 -0.23
CA GLU B 55 -0.99 -25.99 -1.14
C GLU B 55 -0.55 -24.76 -1.93
N ARG B 56 -0.89 -23.57 -1.45
CA ARG B 56 -0.52 -22.33 -2.15
C ARG B 56 0.19 -21.30 -1.29
N PRO B 57 1.09 -20.52 -1.89
CA PRO B 57 1.78 -19.49 -1.10
C PRO B 57 0.67 -18.50 -0.74
N VAL B 58 0.78 -17.89 0.43
CA VAL B 58 -0.26 -16.96 0.87
C VAL B 58 0.31 -15.61 1.31
N SER B 59 -0.41 -14.54 0.97
CA SER B 59 -0.02 -13.19 1.37
C SER B 59 -1.02 -12.84 2.46
N LEU B 60 -0.53 -12.19 3.50
CA LEU B 60 -1.36 -11.82 4.63
C LEU B 60 -1.73 -10.35 4.61
N VAL B 61 -2.95 -10.04 5.02
CA VAL B 61 -3.38 -8.65 5.13
C VAL B 61 -3.58 -8.50 6.64
N ARG B 62 -2.63 -7.83 7.28
CA ARG B 62 -2.65 -7.66 8.72
C ARG B 62 -3.12 -6.26 9.13
N GLY B 63 -4.01 -6.21 10.12
CA GLY B 63 -4.52 -4.94 10.62
C GLY B 63 -4.32 -4.95 12.13
N PRO B 64 -3.15 -4.49 12.61
CA PRO B 64 -2.87 -4.47 14.05
C PRO B 64 -3.82 -3.65 14.92
N ASP B 65 -4.54 -2.72 14.28
CA ASP B 65 -5.47 -1.86 15.00
C ASP B 65 -6.90 -2.02 14.51
N GLY B 66 -7.17 -3.12 13.81
CA GLY B 66 -8.52 -3.36 13.31
C GLY B 66 -8.75 -2.65 11.99
N ILE B 67 -9.96 -2.73 11.46
CA ILE B 67 -10.22 -2.12 10.16
C ILE B 67 -10.21 -0.59 10.12
N GLY B 68 -10.20 0.05 11.29
CA GLY B 68 -10.16 1.50 11.35
C GLY B 68 -8.72 2.00 11.31
N GLY B 69 -7.79 1.06 11.38
CA GLY B 69 -6.39 1.40 11.32
C GLY B 69 -5.92 1.08 9.92
N GLU B 70 -4.62 0.93 9.74
CA GLU B 70 -4.07 0.63 8.43
C GLU B 70 -3.75 -0.85 8.27
N LEU B 71 -3.59 -1.27 7.02
CA LEU B 71 -3.32 -2.64 6.70
C LEU B 71 -1.93 -2.85 6.12
N PHE B 72 -1.29 -3.91 6.58
CA PHE B 72 0.04 -4.32 6.14
C PHE B 72 -0.16 -5.52 5.22
N PHE B 73 0.29 -5.41 3.98
CA PHE B 73 0.16 -6.50 3.01
C PHE B 73 1.52 -7.19 3.01
N GLN B 74 1.55 -8.38 3.60
CA GLN B 74 2.80 -9.11 3.75
C GLN B 74 2.95 -10.37 2.93
N LYS B 75 4.07 -10.46 2.22
CA LYS B 75 4.38 -11.62 1.36
C LYS B 75 5.47 -12.48 1.96
N HIS B 76 6.46 -11.85 2.59
CA HIS B 76 7.62 -12.55 3.14
C HIS B 76 7.81 -12.27 4.63
N ALA B 77 8.48 -13.19 5.32
CA ALA B 77 8.76 -13.02 6.75
C ALA B 77 10.00 -13.82 7.12
N ALA B 78 10.94 -13.17 7.80
CA ALA B 78 12.18 -13.81 8.22
C ALA B 78 11.97 -14.60 9.52
N ARG B 79 11.29 -13.97 10.47
CA ARG B 79 11.00 -14.58 11.77
C ARG B 79 9.51 -14.76 11.97
N LEU B 80 9.13 -15.83 12.66
CA LEU B 80 7.72 -16.11 12.88
C LEU B 80 7.41 -16.26 14.37
N LYS B 81 6.13 -16.44 14.66
CA LYS B 81 5.65 -16.64 16.01
C LYS B 81 4.27 -17.25 15.88
N ILE B 82 4.04 -17.89 14.73
CA ILE B 82 2.77 -18.55 14.42
C ILE B 82 3.05 -20.05 14.38
N PRO B 83 3.36 -20.66 15.54
CA PRO B 83 3.65 -22.09 15.62
C PRO B 83 2.89 -22.93 14.62
N GLY B 84 3.49 -23.15 13.45
CA GLY B 84 2.85 -23.95 12.43
C GLY B 84 2.99 -23.43 11.01
N ILE B 85 3.22 -22.13 10.84
CA ILE B 85 3.33 -21.56 9.50
C ILE B 85 4.63 -22.02 8.83
N VAL B 86 4.54 -22.29 7.53
CA VAL B 86 5.70 -22.75 6.79
C VAL B 86 6.41 -21.63 6.03
N GLN B 87 7.73 -21.56 6.20
CA GLN B 87 8.53 -20.58 5.49
C GLN B 87 9.09 -21.33 4.28
N LEU B 88 8.76 -20.85 3.10
CA LEU B 88 9.20 -21.51 1.89
C LEU B 88 10.66 -21.22 1.55
N ASP B 89 11.21 -22.01 0.64
CA ASP B 89 12.59 -21.86 0.22
C ASP B 89 12.84 -20.48 -0.39
N PRO B 90 13.84 -19.75 0.14
CA PRO B 90 14.17 -18.41 -0.35
C PRO B 90 14.47 -18.39 -1.86
N ALA B 91 14.91 -19.53 -2.39
CA ALA B 91 15.22 -19.60 -3.81
C ALA B 91 13.99 -19.40 -4.68
N LEU B 92 12.80 -19.49 -4.07
CA LEU B 92 11.56 -19.30 -4.81
C LEU B 92 11.29 -17.82 -5.04
N ASP B 93 12.03 -16.96 -4.35
CA ASP B 93 11.86 -15.51 -4.51
C ASP B 93 13.15 -14.88 -3.99
N PRO B 94 14.24 -15.01 -4.76
CA PRO B 94 15.54 -14.45 -4.35
C PRO B 94 15.53 -12.97 -3.99
N GLY B 95 16.32 -12.61 -2.98
CA GLY B 95 16.42 -11.23 -2.55
C GLY B 95 15.35 -10.82 -1.57
N HIS B 96 14.62 -11.80 -1.05
CA HIS B 96 13.55 -11.53 -0.10
C HIS B 96 13.55 -12.62 0.95
N PRO B 97 12.94 -12.34 2.12
CA PRO B 97 12.88 -13.36 3.17
C PRO B 97 11.92 -14.41 2.61
N PRO B 98 11.80 -15.57 3.28
CA PRO B 98 10.90 -16.63 2.82
C PRO B 98 9.45 -16.26 2.58
N LEU B 99 8.87 -16.87 1.56
CA LEU B 99 7.45 -16.70 1.29
C LEU B 99 6.77 -17.54 2.35
N LEU B 100 5.45 -17.43 2.44
CA LEU B 100 4.68 -18.13 3.46
C LEU B 100 3.61 -19.10 2.97
N GLN B 101 3.38 -20.14 3.77
CA GLN B 101 2.36 -21.15 3.46
C GLN B 101 1.68 -21.61 4.74
N ILE B 102 0.35 -21.56 4.74
CA ILE B 102 -0.47 -21.99 5.87
C ILE B 102 -1.16 -23.29 5.49
N ARG B 103 -0.88 -24.35 6.24
CA ARG B 103 -1.42 -25.68 5.94
C ARG B 103 -2.20 -26.32 7.09
N SER B 104 -2.42 -25.59 8.17
CA SER B 104 -3.13 -26.12 9.32
C SER B 104 -3.94 -25.07 10.03
N ALA B 105 -4.90 -25.51 10.85
CA ALA B 105 -5.73 -24.60 11.62
C ALA B 105 -4.86 -23.83 12.61
N GLU B 106 -3.89 -24.51 13.21
CA GLU B 106 -3.00 -23.87 14.16
C GLU B 106 -2.27 -22.70 13.51
N ALA B 107 -1.75 -22.92 12.30
CA ALA B 107 -1.03 -21.86 11.59
C ALA B 107 -1.98 -20.74 11.19
N LEU B 108 -3.19 -21.11 10.77
CA LEU B 108 -4.18 -20.12 10.36
C LEU B 108 -4.57 -19.21 11.53
N VAL B 109 -4.92 -19.82 12.67
CA VAL B 109 -5.30 -19.04 13.84
C VAL B 109 -4.10 -18.25 14.35
N GLY B 110 -2.91 -18.83 14.24
CA GLY B 110 -1.72 -18.14 14.69
C GLY B 110 -1.52 -16.86 13.88
N ALA B 111 -1.86 -16.91 12.60
CA ALA B 111 -1.73 -15.74 11.75
C ALA B 111 -2.68 -14.65 12.24
N VAL B 112 -3.89 -15.06 12.63
CA VAL B 112 -4.88 -14.11 13.14
C VAL B 112 -4.38 -13.53 14.47
N GLN B 113 -3.74 -14.36 15.28
CA GLN B 113 -3.19 -13.90 16.55
C GLN B 113 -2.14 -12.81 16.28
N MET B 114 -1.46 -12.92 15.14
CA MET B 114 -0.46 -11.92 14.79
C MET B 114 -0.98 -10.77 13.95
N GLY B 115 -2.30 -10.61 13.93
CA GLY B 115 -2.89 -9.49 13.20
C GLY B 115 -3.55 -9.73 11.87
N SER B 116 -3.41 -10.93 11.32
CA SER B 116 -4.03 -11.19 10.01
C SER B 116 -5.54 -11.16 10.02
N ILE B 117 -6.10 -10.52 8.99
CA ILE B 117 -7.54 -10.45 8.82
C ILE B 117 -7.90 -11.14 7.50
N GLU B 118 -7.13 -10.85 6.44
CA GLU B 118 -7.36 -11.46 5.13
C GLU B 118 -6.21 -12.35 4.68
N PHE B 119 -6.54 -13.35 3.87
CA PHE B 119 -5.58 -14.30 3.33
C PHE B 119 -5.78 -14.34 1.82
N HIS B 120 -4.72 -14.03 1.06
CA HIS B 120 -4.79 -14.02 -0.39
C HIS B 120 -3.79 -15.04 -0.93
N THR B 121 -4.24 -15.91 -1.83
CA THR B 121 -3.37 -16.94 -2.39
C THR B 121 -2.91 -16.71 -3.82
N TRP B 122 -1.78 -17.32 -4.15
CA TRP B 122 -1.20 -17.26 -5.50
C TRP B 122 -2.05 -18.10 -6.46
N ASN B 123 -1.89 -17.83 -7.75
CA ASN B 123 -2.57 -18.59 -8.79
C ASN B 123 -1.72 -19.79 -9.19
N ALA B 124 -0.95 -20.31 -8.24
CA ALA B 124 -0.10 -21.47 -8.47
C ALA B 124 0.05 -22.22 -7.15
N SER B 125 0.28 -23.52 -7.26
CA SER B 125 0.43 -24.37 -6.07
C SER B 125 1.89 -24.83 -5.97
N LEU B 126 2.29 -25.27 -4.78
CA LEU B 126 3.66 -25.72 -4.54
C LEU B 126 4.18 -26.80 -5.49
N ALA B 127 3.27 -27.47 -6.18
CA ALA B 127 3.66 -28.50 -7.13
C ALA B 127 4.57 -27.89 -8.19
N ASN B 128 4.31 -26.63 -8.52
CA ASN B 128 5.10 -25.91 -9.50
C ASN B 128 4.72 -24.43 -9.50
N LEU B 129 5.56 -23.60 -8.90
CA LEU B 129 5.28 -22.18 -8.84
C LEU B 129 5.68 -21.43 -10.10
N GLU B 130 6.17 -22.15 -11.11
CA GLU B 130 6.56 -21.51 -12.35
C GLU B 130 5.50 -21.71 -13.43
N ARG B 131 4.44 -22.42 -13.08
CA ARG B 131 3.34 -22.66 -14.00
C ARG B 131 2.03 -22.51 -13.26
N PRO B 132 1.33 -21.39 -13.46
CA PRO B 132 0.07 -21.19 -12.76
C PRO B 132 -0.96 -22.28 -13.03
N ASP B 133 -1.77 -22.61 -12.02
CA ASP B 133 -2.80 -23.62 -12.20
C ASP B 133 -4.20 -22.99 -12.28
N ARG B 134 -4.23 -21.71 -12.59
CA ARG B 134 -5.48 -20.96 -12.77
C ARG B 134 -5.22 -19.50 -13.04
N PHE B 135 -6.27 -18.80 -13.44
CA PHE B 135 -6.17 -17.37 -13.62
C PHE B 135 -7.46 -16.83 -13.02
N VAL B 136 -7.44 -15.54 -12.70
CA VAL B 136 -8.59 -14.92 -12.09
C VAL B 136 -9.04 -13.70 -12.87
N LEU B 137 -10.35 -13.52 -12.93
CA LEU B 137 -10.95 -12.37 -13.57
C LEU B 137 -11.75 -11.74 -12.44
N ASP B 138 -11.37 -10.52 -12.07
CA ASP B 138 -12.03 -9.78 -11.00
C ASP B 138 -12.84 -8.66 -11.65
N LEU B 139 -14.17 -8.74 -11.53
CA LEU B 139 -15.04 -7.70 -12.07
C LEU B 139 -15.12 -6.59 -11.05
N ASP B 140 -14.39 -5.51 -11.32
CA ASP B 140 -14.32 -4.34 -10.43
C ASP B 140 -15.21 -3.23 -10.98
N PRO B 141 -16.36 -3.01 -10.34
CA PRO B 141 -17.32 -1.98 -10.75
C PRO B 141 -17.11 -0.57 -10.24
N ASP B 142 -17.82 0.36 -10.88
CA ASP B 142 -17.80 1.76 -10.49
C ASP B 142 -18.62 1.76 -9.20
N PRO B 143 -18.11 2.39 -8.13
CA PRO B 143 -18.78 2.47 -6.83
C PRO B 143 -20.18 3.08 -6.88
N ALA B 144 -20.61 3.49 -8.07
CA ALA B 144 -21.93 4.09 -8.24
C ALA B 144 -22.74 3.34 -9.30
N LEU B 145 -22.33 2.11 -9.59
CA LEU B 145 -23.03 1.31 -10.59
C LEU B 145 -24.05 0.38 -9.94
N PRO B 146 -25.28 0.33 -10.49
CA PRO B 146 -26.34 -0.51 -9.93
C PRO B 146 -25.90 -1.97 -9.85
N TRP B 147 -26.30 -2.65 -8.78
CA TRP B 147 -25.95 -4.06 -8.60
C TRP B 147 -26.38 -4.94 -9.76
N LYS B 148 -27.54 -4.65 -10.35
CA LYS B 148 -28.03 -5.46 -11.46
C LYS B 148 -27.02 -5.46 -12.60
N ARG B 149 -26.22 -4.40 -12.69
CA ARG B 149 -25.20 -4.29 -13.72
C ARG B 149 -24.14 -5.37 -13.53
N MET B 150 -23.75 -5.59 -12.27
CA MET B 150 -22.76 -6.60 -11.96
C MET B 150 -23.29 -7.99 -12.24
N LEU B 151 -24.55 -8.23 -11.93
CA LEU B 151 -25.15 -9.54 -12.17
C LEU B 151 -25.14 -9.85 -13.66
N GLU B 152 -25.58 -8.89 -14.47
CA GLU B 152 -25.61 -9.09 -15.91
C GLU B 152 -24.20 -9.26 -16.46
N ALA B 153 -23.27 -8.45 -15.97
CA ALA B 153 -21.88 -8.53 -16.43
C ALA B 153 -21.25 -9.87 -16.11
N THR B 154 -21.58 -10.42 -14.95
CA THR B 154 -21.05 -11.71 -14.54
C THR B 154 -21.61 -12.80 -15.45
N GLN B 155 -22.91 -12.72 -15.72
CA GLN B 155 -23.56 -13.69 -16.60
C GLN B 155 -22.91 -13.64 -17.98
N LEU B 156 -22.73 -12.42 -18.51
CA LEU B 156 -22.14 -12.23 -19.83
C LEU B 156 -20.71 -12.78 -19.87
N SER B 157 -19.96 -12.60 -18.79
CA SER B 157 -18.59 -13.09 -18.72
C SER B 157 -18.57 -14.61 -18.77
N LEU B 158 -19.50 -15.23 -18.05
CA LEU B 158 -19.59 -16.69 -18.03
C LEU B 158 -19.95 -17.24 -19.40
N THR B 159 -20.81 -16.51 -20.11
CA THR B 159 -21.22 -16.93 -21.44
C THR B 159 -20.01 -17.01 -22.36
N LEU B 160 -19.15 -16.00 -22.28
CA LEU B 160 -17.93 -15.98 -23.09
C LEU B 160 -17.04 -17.15 -22.70
N LEU B 161 -16.93 -17.41 -21.40
CA LEU B 161 -16.10 -18.52 -20.96
C LEU B 161 -16.65 -19.84 -21.47
N ASP B 162 -17.98 -19.95 -21.58
CA ASP B 162 -18.58 -21.17 -22.09
C ASP B 162 -18.24 -21.37 -23.57
N GLU B 163 -18.26 -20.27 -24.33
CA GLU B 163 -17.96 -20.33 -25.75
C GLU B 163 -16.52 -20.82 -25.94
N LEU B 164 -15.64 -20.40 -25.03
CA LEU B 164 -14.24 -20.79 -25.07
C LEU B 164 -14.06 -22.23 -24.62
N GLY B 165 -15.02 -22.74 -23.85
CA GLY B 165 -14.93 -24.10 -23.37
C GLY B 165 -14.18 -24.21 -22.05
N LEU B 166 -14.23 -23.15 -21.25
CA LEU B 166 -13.55 -23.14 -19.96
C LEU B 166 -14.54 -23.09 -18.80
N ARG B 167 -14.35 -24.00 -17.86
CA ARG B 167 -15.19 -24.08 -16.66
C ARG B 167 -14.68 -23.01 -15.69
N ALA B 168 -15.58 -22.21 -15.13
CA ALA B 168 -15.20 -21.16 -14.20
C ALA B 168 -15.92 -21.33 -12.88
N PHE B 169 -15.29 -20.84 -11.82
CA PHE B 169 -15.87 -20.94 -10.48
C PHE B 169 -16.02 -19.55 -9.92
N LEU B 170 -17.25 -19.22 -9.57
CA LEU B 170 -17.60 -17.89 -9.07
C LEU B 170 -17.68 -17.74 -7.56
N LYS B 171 -17.28 -16.58 -7.08
CA LYS B 171 -17.40 -16.28 -5.66
C LYS B 171 -17.56 -14.77 -5.49
N THR B 172 -18.29 -14.37 -4.47
CA THR B 172 -18.44 -12.96 -4.20
C THR B 172 -17.09 -12.54 -3.65
N SER B 173 -16.73 -11.28 -3.83
CA SER B 173 -15.44 -10.78 -3.37
C SER B 173 -15.47 -10.39 -1.90
N GLY B 174 -16.67 -10.08 -1.41
CA GLY B 174 -16.82 -9.65 -0.03
C GLY B 174 -16.73 -8.14 -0.05
N GLY B 175 -16.47 -7.60 -1.24
CA GLY B 175 -16.35 -6.16 -1.40
C GLY B 175 -17.44 -5.60 -2.30
N LYS B 176 -17.07 -5.26 -3.53
CA LYS B 176 -18.03 -4.69 -4.48
C LYS B 176 -18.20 -5.51 -5.76
N GLY B 177 -17.21 -6.36 -6.06
CA GLY B 177 -17.29 -7.15 -7.27
C GLY B 177 -17.36 -8.65 -7.13
N MET B 178 -17.30 -9.33 -8.28
CA MET B 178 -17.36 -10.78 -8.34
C MET B 178 -16.04 -11.35 -8.86
N HIS B 179 -15.69 -12.54 -8.38
CA HIS B 179 -14.45 -13.20 -8.78
C HIS B 179 -14.73 -14.46 -9.59
N LEU B 180 -13.99 -14.62 -10.68
CA LEU B 180 -14.11 -15.78 -11.54
C LEU B 180 -12.75 -16.46 -11.54
N LEU B 181 -12.71 -17.69 -11.04
CA LEU B 181 -11.48 -18.47 -11.01
C LEU B 181 -11.59 -19.55 -12.08
N VAL B 182 -10.58 -19.61 -12.94
CA VAL B 182 -10.57 -20.58 -14.01
C VAL B 182 -9.34 -21.48 -13.89
N PRO B 183 -9.55 -22.75 -13.50
CA PRO B 183 -8.44 -23.71 -13.35
C PRO B 183 -7.76 -23.96 -14.68
N LEU B 184 -6.47 -24.30 -14.63
CA LEU B 184 -5.70 -24.61 -15.82
C LEU B 184 -4.64 -25.65 -15.52
N GLU B 185 -4.41 -26.54 -16.48
CA GLU B 185 -3.38 -27.55 -16.33
C GLU B 185 -2.05 -26.80 -16.35
N ARG B 186 -1.07 -27.32 -15.62
CA ARG B 186 0.24 -26.67 -15.56
C ARG B 186 1.08 -26.90 -16.81
N ARG B 187 0.69 -26.23 -17.88
CA ARG B 187 1.38 -26.35 -19.18
C ARG B 187 1.78 -25.01 -19.76
N HIS B 188 1.34 -23.94 -19.10
CA HIS B 188 1.62 -22.58 -19.57
C HIS B 188 2.49 -21.79 -18.59
N GLY B 189 3.14 -20.76 -19.10
CA GLY B 189 3.98 -19.93 -18.24
C GLY B 189 3.13 -18.79 -17.70
N TRP B 190 3.66 -18.04 -16.73
CA TRP B 190 2.92 -16.93 -16.16
C TRP B 190 2.49 -15.87 -17.18
N ASP B 191 3.41 -15.41 -18.01
CA ASP B 191 3.07 -14.39 -19.00
C ASP B 191 2.03 -14.87 -19.99
N GLU B 192 2.16 -16.13 -20.39
CA GLU B 192 1.23 -16.74 -21.35
C GLU B 192 -0.18 -16.71 -20.79
N VAL B 193 -0.31 -17.08 -19.53
CA VAL B 193 -1.62 -17.11 -18.88
C VAL B 193 -2.16 -15.70 -18.66
N LYS B 194 -1.29 -14.78 -18.25
CA LYS B 194 -1.71 -13.41 -18.02
C LYS B 194 -2.18 -12.76 -19.32
N ASP B 195 -1.48 -13.03 -20.42
CA ASP B 195 -1.88 -12.45 -21.70
C ASP B 195 -3.23 -13.00 -22.14
N PHE B 196 -3.49 -14.26 -21.82
CA PHE B 196 -4.75 -14.89 -22.17
C PHE B 196 -5.88 -14.20 -21.39
N ALA B 197 -5.67 -14.00 -20.09
CA ALA B 197 -6.67 -13.35 -19.26
C ALA B 197 -6.90 -11.93 -19.76
N GLN B 198 -5.84 -11.24 -20.16
CA GLN B 198 -5.97 -9.89 -20.66
C GLN B 198 -6.76 -9.89 -21.96
N ALA B 199 -6.56 -10.91 -22.79
CA ALA B 199 -7.26 -11.02 -24.06
C ALA B 199 -8.76 -11.16 -23.82
N ILE B 200 -9.13 -11.88 -22.76
CA ILE B 200 -10.53 -12.06 -22.43
C ILE B 200 -11.11 -10.70 -22.03
N SER B 201 -10.39 -9.99 -21.18
CA SER B 201 -10.82 -8.67 -20.72
C SER B 201 -11.04 -7.74 -21.92
N GLN B 202 -10.08 -7.72 -22.83
CA GLN B 202 -10.17 -6.87 -24.01
C GLN B 202 -11.30 -7.30 -24.94
N HIS B 203 -11.58 -8.59 -24.98
CA HIS B 203 -12.64 -9.12 -25.83
C HIS B 203 -14.00 -8.60 -25.35
N LEU B 204 -14.24 -8.70 -24.04
CA LEU B 204 -15.50 -8.24 -23.47
C LEU B 204 -15.67 -6.73 -23.63
N ALA B 205 -14.57 -5.99 -23.50
CA ALA B 205 -14.61 -4.54 -23.64
C ALA B 205 -14.86 -4.13 -25.08
N ARG B 206 -14.36 -4.93 -26.02
CA ARG B 206 -14.54 -4.61 -27.43
C ARG B 206 -15.98 -4.87 -27.88
N LEU B 207 -16.55 -5.98 -27.44
CA LEU B 207 -17.92 -6.34 -27.81
C LEU B 207 -18.99 -5.54 -27.06
N MET B 208 -18.74 -5.26 -25.78
CA MET B 208 -19.70 -4.52 -24.95
C MET B 208 -18.99 -3.39 -24.20
N PRO B 209 -18.50 -2.38 -24.94
CA PRO B 209 -17.80 -1.23 -24.34
C PRO B 209 -18.59 -0.46 -23.28
N GLU B 210 -19.91 -0.46 -23.38
CA GLU B 210 -20.71 0.26 -22.41
C GLU B 210 -20.78 -0.45 -21.05
N ARG B 211 -20.48 -1.75 -21.04
CA ARG B 211 -20.51 -2.53 -19.80
C ARG B 211 -19.13 -2.87 -19.26
N PHE B 212 -18.17 -3.10 -20.17
CA PHE B 212 -16.82 -3.50 -19.79
C PHE B 212 -15.67 -2.59 -20.21
N SER B 213 -14.62 -2.61 -19.40
CA SER B 213 -13.40 -1.87 -19.65
C SER B 213 -12.22 -2.83 -19.44
N ALA B 214 -11.19 -2.72 -20.26
CA ALA B 214 -10.02 -3.59 -20.13
C ALA B 214 -8.81 -2.80 -19.68
N VAL B 215 -9.05 -1.56 -19.24
CA VAL B 215 -7.99 -0.67 -18.76
C VAL B 215 -8.21 -0.37 -17.29
N SER B 216 -7.19 -0.63 -16.48
CA SER B 216 -7.25 -0.41 -15.04
C SER B 216 -7.37 1.07 -14.67
N GLY B 217 -7.78 1.31 -13.43
CA GLY B 217 -7.92 2.68 -12.97
C GLY B 217 -9.36 3.14 -12.94
N PRO B 218 -9.81 3.71 -11.82
CA PRO B 218 -11.20 4.17 -11.72
C PRO B 218 -11.58 5.17 -12.81
N ARG B 219 -10.61 5.92 -13.31
CA ARG B 219 -10.86 6.90 -14.35
C ARG B 219 -11.10 6.25 -15.72
N ASN B 220 -10.93 4.94 -15.78
CA ASN B 220 -11.13 4.21 -17.02
C ASN B 220 -12.29 3.22 -16.96
N ARG B 221 -13.15 3.38 -15.96
CA ARG B 221 -14.31 2.51 -15.81
C ARG B 221 -15.52 3.26 -15.25
N VAL B 222 -15.62 4.55 -15.56
CA VAL B 222 -16.73 5.35 -15.08
C VAL B 222 -18.05 4.81 -15.64
N GLY B 223 -18.94 4.42 -14.73
CA GLY B 223 -20.24 3.90 -15.14
C GLY B 223 -20.19 2.49 -15.71
N LYS B 224 -19.04 1.83 -15.56
CA LYS B 224 -18.90 0.47 -16.07
C LYS B 224 -18.07 -0.44 -15.16
N ILE B 225 -17.68 -1.59 -15.70
CA ILE B 225 -16.91 -2.57 -14.94
C ILE B 225 -15.58 -2.96 -15.60
N PHE B 226 -14.52 -2.90 -14.81
CA PHE B 226 -13.19 -3.26 -15.30
C PHE B 226 -12.98 -4.75 -15.08
N VAL B 227 -12.65 -5.47 -16.14
CA VAL B 227 -12.39 -6.90 -16.06
C VAL B 227 -10.92 -6.99 -15.68
N ASP B 228 -10.66 -6.99 -14.38
CA ASP B 228 -9.31 -7.01 -13.83
C ASP B 228 -8.56 -8.31 -14.03
N TYR B 229 -7.50 -8.26 -14.85
CA TYR B 229 -6.68 -9.42 -15.17
C TYR B 229 -5.28 -9.23 -14.59
N LEU B 230 -5.06 -8.13 -13.89
CA LEU B 230 -3.75 -7.80 -13.35
C LEU B 230 -3.21 -8.69 -12.25
N ARG B 231 -4.06 -9.45 -11.56
CA ARG B 231 -3.56 -10.29 -10.49
C ARG B 231 -3.14 -11.69 -10.95
N ASN B 232 -2.81 -11.80 -12.23
CA ASN B 232 -2.39 -13.07 -12.80
C ASN B 232 -0.90 -13.15 -13.07
N SER B 233 -0.13 -12.45 -12.25
CA SER B 233 1.32 -12.49 -12.41
C SER B 233 1.89 -13.27 -11.24
N ARG B 234 3.10 -13.79 -11.41
CA ARG B 234 3.73 -14.54 -10.34
C ARG B 234 3.88 -13.64 -9.13
N GLY B 235 3.50 -14.14 -7.95
CA GLY B 235 3.62 -13.37 -6.74
C GLY B 235 2.38 -12.57 -6.39
N ALA B 236 1.49 -12.39 -7.37
CA ALA B 236 0.24 -11.67 -7.14
C ALA B 236 -0.71 -12.63 -6.45
N SER B 237 -1.83 -12.12 -5.95
CA SER B 237 -2.78 -12.99 -5.26
C SER B 237 -4.20 -12.45 -5.24
N THR B 238 -5.12 -13.33 -4.84
CA THR B 238 -6.53 -12.97 -4.74
C THR B 238 -7.07 -13.55 -3.43
N VAL B 239 -7.95 -12.80 -2.79
CA VAL B 239 -8.55 -13.23 -1.53
C VAL B 239 -9.07 -14.66 -1.67
N ALA B 240 -8.75 -15.50 -0.68
CA ALA B 240 -9.15 -16.89 -0.71
C ALA B 240 -10.64 -17.08 -0.45
N ALA B 241 -11.22 -18.12 -1.04
CA ALA B 241 -12.62 -18.41 -0.79
C ALA B 241 -12.77 -18.69 0.71
N TYR B 242 -13.83 -18.13 1.29
CA TYR B 242 -14.17 -18.25 2.71
C TYR B 242 -13.35 -17.38 3.66
N SER B 243 -12.46 -16.56 3.12
CA SER B 243 -11.68 -15.68 3.98
C SER B 243 -12.49 -14.39 4.17
N VAL B 244 -12.20 -13.70 5.27
CA VAL B 244 -12.87 -12.46 5.64
C VAL B 244 -12.18 -11.25 5.01
N ARG B 245 -12.94 -10.17 4.81
CA ARG B 245 -12.38 -8.94 4.27
C ARG B 245 -12.31 -7.92 5.41
N ALA B 246 -11.26 -7.11 5.40
CA ALA B 246 -11.06 -6.07 6.40
C ALA B 246 -11.91 -4.86 6.03
N ARG B 247 -13.23 -5.06 6.10
CA ARG B 247 -14.22 -4.05 5.75
C ARG B 247 -15.40 -4.13 6.72
N GLU B 248 -16.25 -3.10 6.73
CA GLU B 248 -17.40 -3.06 7.63
C GLU B 248 -18.25 -4.33 7.54
N GLY B 249 -18.50 -4.94 8.69
CA GLY B 249 -19.29 -6.15 8.73
C GLY B 249 -18.47 -7.41 8.54
N LEU B 250 -17.18 -7.23 8.26
CA LEU B 250 -16.27 -8.36 8.03
C LEU B 250 -16.91 -9.37 7.09
N PRO B 251 -17.21 -8.95 5.85
CA PRO B 251 -17.82 -9.80 4.84
C PRO B 251 -16.90 -10.93 4.44
N VAL B 252 -17.47 -12.05 4.03
CA VAL B 252 -16.70 -13.20 3.61
C VAL B 252 -16.80 -13.39 2.10
N SER B 253 -15.71 -13.86 1.49
CA SER B 253 -15.69 -14.12 0.05
C SER B 253 -16.30 -15.51 -0.11
N VAL B 254 -17.52 -15.56 -0.66
CA VAL B 254 -18.27 -16.82 -0.76
C VAL B 254 -18.52 -17.46 -2.12
N PRO B 255 -18.12 -18.74 -2.28
CA PRO B 255 -18.34 -19.46 -3.54
C PRO B 255 -19.84 -19.59 -3.77
N VAL B 256 -20.27 -19.36 -5.01
CA VAL B 256 -21.69 -19.46 -5.31
C VAL B 256 -21.91 -20.26 -6.59
N PHE B 257 -23.09 -20.86 -6.67
CA PHE B 257 -23.48 -21.64 -7.85
C PHE B 257 -23.87 -20.62 -8.91
N ARG B 258 -23.65 -20.99 -10.16
CA ARG B 258 -24.00 -20.11 -11.27
C ARG B 258 -25.52 -19.89 -11.25
N GLU B 259 -26.26 -20.92 -10.83
CA GLU B 259 -27.71 -20.86 -10.79
C GLU B 259 -28.28 -19.86 -9.77
N GLU B 260 -27.52 -19.55 -8.73
CA GLU B 260 -28.02 -18.61 -7.73
C GLU B 260 -27.52 -17.19 -7.97
N LEU B 261 -26.74 -17.02 -9.03
CA LEU B 261 -26.19 -15.71 -9.36
C LEU B 261 -27.25 -14.61 -9.44
N ASP B 262 -28.32 -14.85 -10.20
CA ASP B 262 -29.36 -13.85 -10.34
C ASP B 262 -30.13 -13.55 -9.05
N SER B 263 -29.95 -14.38 -8.02
CA SER B 263 -30.64 -14.16 -6.75
C SER B 263 -29.79 -13.37 -5.77
N LEU B 264 -28.50 -13.23 -6.08
CA LEU B 264 -27.60 -12.48 -5.21
C LEU B 264 -27.98 -11.01 -5.14
N GLN B 265 -27.78 -10.40 -3.97
CA GLN B 265 -28.13 -9.00 -3.77
C GLN B 265 -26.91 -8.11 -3.57
N GLY B 266 -25.78 -8.71 -3.21
CA GLY B 266 -24.58 -7.93 -2.99
C GLY B 266 -23.33 -8.77 -2.83
N ALA B 267 -22.19 -8.24 -3.26
CA ALA B 267 -20.94 -8.98 -3.17
C ALA B 267 -20.47 -9.13 -1.73
N ASN B 268 -21.12 -8.42 -0.82
CA ASN B 268 -20.74 -8.48 0.60
C ASN B 268 -21.93 -8.90 1.46
N GLN B 269 -22.88 -9.61 0.86
CA GLN B 269 -24.07 -10.02 1.60
C GLN B 269 -23.83 -11.05 2.71
N TRP B 270 -22.71 -11.77 2.64
CA TRP B 270 -22.37 -12.77 3.65
C TRP B 270 -21.25 -12.27 4.54
N ASN B 271 -21.34 -12.49 5.84
CA ASN B 271 -20.30 -12.03 6.73
C ASN B 271 -19.81 -13.09 7.71
N LEU B 272 -18.90 -12.67 8.59
CA LEU B 272 -18.30 -13.54 9.58
C LEU B 272 -19.33 -14.34 10.37
N ARG B 273 -20.49 -13.74 10.64
CA ARG B 273 -21.51 -14.41 11.42
C ARG B 273 -22.62 -15.11 10.65
N SER B 274 -22.73 -14.83 9.36
CA SER B 274 -23.76 -15.44 8.55
C SER B 274 -23.32 -16.71 7.85
N LEU B 275 -22.03 -17.03 7.93
CA LEU B 275 -21.52 -18.22 7.29
C LEU B 275 -22.25 -19.48 7.75
N PRO B 276 -22.53 -19.60 9.07
CA PRO B 276 -23.24 -20.79 9.57
C PRO B 276 -24.56 -21.03 8.81
N GLN B 277 -25.31 -19.96 8.60
CA GLN B 277 -26.57 -20.03 7.89
C GLN B 277 -26.35 -20.51 6.45
N ARG B 278 -25.31 -19.97 5.82
CA ARG B 278 -24.99 -20.34 4.44
C ARG B 278 -24.73 -21.84 4.34
N LEU B 279 -23.97 -22.38 5.29
CA LEU B 279 -23.66 -23.80 5.27
C LEU B 279 -24.91 -24.65 5.47
N ASP B 280 -25.76 -24.23 6.41
CA ASP B 280 -26.98 -24.99 6.68
C ASP B 280 -27.87 -25.05 5.44
N GLU B 281 -27.98 -23.94 4.73
CA GLU B 281 -28.81 -23.89 3.53
C GLU B 281 -28.23 -24.71 2.39
N LEU B 282 -26.90 -24.86 2.37
CA LEU B 282 -26.24 -25.65 1.33
C LEU B 282 -26.50 -27.13 1.58
N ALA B 283 -26.68 -27.50 2.84
CA ALA B 283 -26.96 -28.89 3.22
C ALA B 283 -26.02 -29.89 2.56
N GLY B 284 -24.72 -29.61 2.59
CA GLY B 284 -23.75 -30.52 2.00
C GLY B 284 -23.34 -30.19 0.59
N ASP B 285 -24.16 -29.44 -0.14
CA ASP B 285 -23.83 -29.08 -1.51
C ASP B 285 -22.64 -28.12 -1.51
N ASP B 286 -21.77 -28.28 -2.49
CA ASP B 286 -20.59 -27.44 -2.63
C ASP B 286 -20.58 -26.75 -3.99
N PRO B 287 -20.71 -25.42 -4.01
CA PRO B 287 -20.71 -24.66 -5.26
C PRO B 287 -19.49 -24.96 -6.12
N TRP B 288 -18.36 -25.20 -5.47
CA TRP B 288 -17.12 -25.48 -6.17
C TRP B 288 -16.73 -26.95 -6.13
N ALA B 289 -17.73 -27.82 -6.05
CA ALA B 289 -17.48 -29.25 -6.00
C ALA B 289 -16.62 -29.75 -7.16
N ASP B 290 -16.82 -29.19 -8.34
CA ASP B 290 -16.05 -29.64 -9.51
C ASP B 290 -14.69 -28.99 -9.73
N TYR B 291 -14.27 -28.10 -8.83
CA TYR B 291 -12.99 -27.43 -9.01
C TYR B 291 -11.80 -28.39 -9.12
N ALA B 292 -11.59 -29.20 -8.08
CA ALA B 292 -10.48 -30.14 -8.05
C ALA B 292 -10.35 -31.05 -9.26
N GLY B 293 -11.48 -31.52 -9.77
CA GLY B 293 -11.44 -32.42 -10.91
C GLY B 293 -11.38 -31.77 -12.28
N THR B 294 -11.45 -30.45 -12.34
CA THR B 294 -11.42 -29.75 -13.61
C THR B 294 -10.05 -29.85 -14.28
N ARG B 295 -10.03 -30.37 -15.50
CA ARG B 295 -8.80 -30.51 -16.26
C ARG B 295 -8.99 -29.82 -17.60
N GLN B 296 -8.44 -28.63 -17.74
CA GLN B 296 -8.56 -27.86 -18.97
C GLN B 296 -7.28 -27.06 -19.24
N ARG B 297 -7.11 -26.66 -20.49
CA ARG B 297 -5.94 -25.90 -20.90
C ARG B 297 -6.29 -24.88 -21.98
N ILE B 298 -5.39 -23.93 -22.21
CA ILE B 298 -5.61 -22.91 -23.22
C ILE B 298 -5.25 -23.50 -24.58
N SER B 299 -6.24 -23.55 -25.48
CA SER B 299 -6.03 -24.10 -26.81
C SER B 299 -5.84 -23.00 -27.84
N ALA B 300 -5.38 -23.38 -29.02
CA ALA B 300 -5.17 -22.43 -30.11
C ALA B 300 -6.52 -21.90 -30.57
N ALA B 301 -7.55 -22.73 -30.46
CA ALA B 301 -8.90 -22.33 -30.85
C ALA B 301 -9.39 -21.19 -29.98
N MET B 302 -9.09 -21.28 -28.69
CA MET B 302 -9.50 -20.24 -27.75
C MET B 302 -8.86 -18.90 -28.11
N ARG B 303 -7.57 -18.93 -28.40
CA ARG B 303 -6.87 -17.70 -28.76
C ARG B 303 -7.46 -17.08 -30.02
N ARG B 304 -7.87 -17.92 -30.95
CA ARG B 304 -8.47 -17.43 -32.19
C ARG B 304 -9.85 -16.84 -31.93
N GLN B 305 -10.56 -17.41 -30.97
CA GLN B 305 -11.88 -16.92 -30.63
C GLN B 305 -11.77 -15.54 -29.98
N LEU B 306 -10.65 -15.29 -29.32
CA LEU B 306 -10.42 -14.02 -28.65
C LEU B 306 -9.70 -13.03 -29.56
S SO4 C . 12.12 -7.22 16.22
O1 SO4 C . 12.95 -6.21 15.54
O2 SO4 C . 10.79 -6.64 16.50
O3 SO4 C . 12.75 -7.62 17.50
O4 SO4 C . 11.97 -8.40 15.35
S SO4 D . -4.87 6.60 -15.38
O1 SO4 D . -5.95 7.50 -15.83
O2 SO4 D . -5.45 5.46 -14.66
O3 SO4 D . -3.97 7.33 -14.47
O4 SO4 D . -4.11 6.13 -16.55
S SO4 E . 10.55 8.28 -4.92
O1 SO4 E . 9.47 9.11 -5.47
O2 SO4 E . 9.96 7.08 -4.27
O3 SO4 E . 11.30 9.05 -3.91
O4 SO4 E . 11.46 7.85 -6.00
S SO4 F . -2.00 -7.66 19.88
O1 SO4 F . -0.78 -7.99 19.11
O2 SO4 F . -2.12 -6.20 20.04
O3 SO4 F . -1.92 -8.30 21.21
O4 SO4 F . -3.17 -8.17 19.15
S SO4 G . -13.56 -4.98 -3.80
O1 SO4 G . -14.27 -4.01 -2.93
O2 SO4 G . -13.61 -6.32 -3.18
O3 SO4 G . -12.15 -4.57 -3.97
O4 SO4 G . -14.22 -5.02 -5.12
#